data_6O5I
#
_entry.id   6O5I
#
_cell.length_a   49.092
_cell.length_b   79.843
_cell.length_c   124.261
_cell.angle_alpha   90.000
_cell.angle_beta   90.000
_cell.angle_gamma   90.000
#
_symmetry.space_group_name_H-M   'P 21 21 21'
#
loop_
_entity.id
_entity.type
_entity.pdbx_description
1 polymer Menin
2 non-polymer ~{N}-[3-[[2-cyano-4-methyl-5-[[4-[[2-(methylamino)-6-[2,2,2-tris(fluoranyl)ethyl]thieno[2,3-d]pyrimidin-4-yl]amino]piperidin-1-yl]methyl]indol-1-yl]methyl]-1-bicyclo[1.1.1]pentanyl]methanamide
3 non-polymer 'DIMETHYL SULFOXIDE'
4 non-polymer 'SULFATE ION'
5 non-polymer 'TETRAETHYLENE GLYCOL'
6 water water
#
_entity_poly.entity_id   1
_entity_poly.type   'polypeptide(L)'
_entity_poly.pdbx_seq_one_letter_code
;GGSSSMGLKAAQKTLFPLRSIDDVVRLFAAELGREEPDLVLLSLVLGFVEHFLAVNRVGLTYFPVADLSIIAALYARFTA
QIRGAVDLSLYPREGGVSSRELVKKVSDVIWNSLSRSYFKDRAHIQSLFSFITGTKLDSSGVAFAVVGACQALGLRDVHL
ALSEDHAWVVFGPNGEQTAEVTWHGKGNEDRRGQTVNAGVAERSWLYLKGSYMRCDRKMEVAFMVCAINPSIDLHTDSLE
LLQLQQKLLWLLYDLGHLERYPMALGNLADLEELEPTPGRPDPLTLYHKGIASAKTYYRDEHIYPYMYLAGYHCRNRNVR
EALQAWADTATVIQDYNYCREDEEIYKEFFEVANDVIPNLLKEAASLLEAGSQGSALQDPECFAHLLRFYDGICKWEEGS
PTPVLHVGWATFLVQSLGRFEGQVRQKVRIVSVPAPTASPPPEGPVLTFQSEKMKGMKELLVATKINSSAIKLQLTAQSQ
VQMKKQKVS
;
_entity_poly.pdbx_strand_id   A
#
# COMPACT_ATOMS: atom_id res chain seq x y z
N GLY A 7 25.91 -17.21 2.59
CA GLY A 7 27.20 -17.77 3.01
C GLY A 7 28.03 -16.83 3.84
N LEU A 8 28.53 -15.75 3.26
CA LEU A 8 28.40 -15.48 1.80
C LEU A 8 29.23 -16.48 1.01
N LYS A 9 28.70 -16.91 -0.12
CA LYS A 9 29.38 -17.86 -0.95
C LYS A 9 30.24 -17.11 -1.96
N ALA A 10 31.28 -17.79 -2.46
CA ALA A 10 32.18 -17.18 -3.41
C ALA A 10 31.45 -16.51 -4.56
N ALA A 11 30.42 -17.18 -5.09
CA ALA A 11 29.71 -16.65 -6.26
C ALA A 11 28.99 -15.34 -5.95
N GLN A 12 28.61 -15.10 -4.70
CA GLN A 12 27.90 -13.87 -4.34
C GLN A 12 28.81 -12.67 -4.23
N LYS A 13 30.13 -12.88 -4.27
CA LYS A 13 31.07 -11.82 -3.95
C LYS A 13 31.73 -11.24 -5.19
N THR A 14 31.57 -11.88 -6.35
CA THR A 14 32.40 -11.55 -7.50
C THR A 14 32.06 -10.20 -8.13
N LEU A 15 30.86 -9.64 -7.90
CA LEU A 15 30.56 -8.35 -8.52
C LEU A 15 31.08 -7.17 -7.72
N PHE A 16 31.45 -7.39 -6.48
CA PHE A 16 31.94 -6.29 -5.66
C PHE A 16 33.30 -5.85 -6.19
N PRO A 17 33.62 -4.56 -6.06
CA PRO A 17 32.81 -3.53 -5.38
C PRO A 17 31.68 -3.03 -6.31
N LEU A 18 30.56 -2.62 -5.73
CA LEU A 18 29.49 -2.04 -6.53
C LEU A 18 29.73 -0.54 -6.63
N ARG A 19 29.94 -0.06 -7.86
CA ARG A 19 30.38 1.32 -8.08
C ARG A 19 29.31 2.20 -8.69
N SER A 20 28.12 1.67 -8.94
CA SER A 20 27.11 2.43 -9.67
C SER A 20 25.76 1.75 -9.45
N ILE A 21 24.72 2.49 -9.81
CA ILE A 21 23.36 1.95 -9.87
C ILE A 21 23.35 0.64 -10.67
N ASP A 22 23.97 0.67 -11.86
CA ASP A 22 23.92 -0.53 -12.69
C ASP A 22 24.61 -1.71 -12.05
N ASP A 23 25.67 -1.47 -11.27
CA ASP A 23 26.30 -2.58 -10.55
C ASP A 23 25.36 -3.17 -9.49
N VAL A 24 24.57 -2.32 -8.84
CA VAL A 24 23.62 -2.86 -7.89
C VAL A 24 22.58 -3.70 -8.61
N VAL A 25 22.09 -3.21 -9.75
CA VAL A 25 21.13 -3.98 -10.54
C VAL A 25 21.73 -5.33 -10.92
N ARG A 26 23.02 -5.35 -11.32
CA ARG A 26 23.65 -6.63 -11.67
C ARG A 26 23.64 -7.59 -10.49
N LEU A 27 23.88 -7.08 -9.29
CA LEU A 27 23.85 -7.95 -8.11
C LEU A 27 22.45 -8.53 -7.91
N PHE A 28 21.42 -7.68 -8.02
CA PHE A 28 20.07 -8.19 -7.89
C PHE A 28 19.76 -9.21 -8.96
N ALA A 29 20.21 -8.98 -10.20
CA ALA A 29 19.98 -9.94 -11.26
C ALA A 29 20.64 -11.26 -10.94
N ALA A 30 21.87 -11.22 -10.42
CA ALA A 30 22.57 -12.45 -10.10
C ALA A 30 21.86 -13.19 -8.96
N GLU A 31 21.43 -12.46 -7.91
CA GLU A 31 20.75 -13.12 -6.79
C GLU A 31 19.40 -13.68 -7.21
N LEU A 32 18.68 -12.98 -8.09
CA LEU A 32 17.38 -13.45 -8.54
C LEU A 32 17.52 -14.68 -9.44
N GLY A 33 18.72 -14.93 -9.96
CA GLY A 33 18.96 -16.12 -10.75
C GLY A 33 19.40 -17.31 -9.92
N ARG A 34 19.57 -17.13 -8.62
CA ARG A 34 19.95 -18.21 -7.73
C ARG A 34 18.70 -18.90 -7.17
N GLU A 35 18.91 -20.08 -6.60
CA GLU A 35 17.78 -20.83 -6.06
C GLU A 35 17.01 -20.01 -5.02
N GLU A 36 17.73 -19.30 -4.15
CA GLU A 36 17.16 -18.48 -3.09
C GLU A 36 17.93 -17.17 -3.07
N PRO A 37 17.37 -16.07 -3.60
CA PRO A 37 18.08 -14.80 -3.46
C PRO A 37 18.31 -14.48 -2.00
N ASP A 38 19.48 -13.90 -1.70
CA ASP A 38 19.90 -13.71 -0.32
C ASP A 38 19.31 -12.39 0.17
N LEU A 39 18.25 -12.48 0.98
CA LEU A 39 17.55 -11.27 1.41
C LEU A 39 18.43 -10.39 2.28
N VAL A 40 19.27 -11.01 3.12
CA VAL A 40 20.12 -10.23 4.02
C VAL A 40 21.14 -9.43 3.23
N LEU A 41 21.80 -10.08 2.28
CA LEU A 41 22.77 -9.38 1.44
C LEU A 41 22.11 -8.22 0.70
N LEU A 42 20.96 -8.49 0.10
CA LEU A 42 20.33 -7.47 -0.74
C LEU A 42 19.82 -6.30 0.08
N SER A 43 19.24 -6.57 1.25
CA SER A 43 18.73 -5.49 2.08
C SER A 43 19.88 -4.65 2.64
N LEU A 44 20.99 -5.30 3.03
CA LEU A 44 22.14 -4.55 3.50
C LEU A 44 22.69 -3.65 2.39
N VAL A 45 22.77 -4.14 1.15
CA VAL A 45 23.27 -3.32 0.05
C VAL A 45 22.33 -2.13 -0.19
N LEU A 46 21.00 -2.39 -0.25
CA LEU A 46 20.10 -1.27 -0.50
C LEU A 46 20.17 -0.27 0.64
N GLY A 47 20.24 -0.74 1.89
CA GLY A 47 20.28 0.20 3.01
C GLY A 47 21.57 1.00 3.07
N PHE A 48 22.68 0.36 2.68
CA PHE A 48 23.95 1.09 2.59
C PHE A 48 23.85 2.19 1.54
N VAL A 49 23.39 1.87 0.33
N VAL A 49 23.38 1.83 0.34
CA VAL A 49 23.39 2.93 -0.70
CA VAL A 49 23.29 2.77 -0.76
C VAL A 49 22.35 3.99 -0.36
C VAL A 49 22.35 3.91 -0.40
N GLU A 50 21.20 3.59 0.20
CA GLU A 50 20.22 4.59 0.60
C GLU A 50 20.78 5.50 1.71
N HIS A 51 21.56 4.93 2.63
CA HIS A 51 22.13 5.76 3.67
C HIS A 51 22.99 6.86 3.06
N PHE A 52 23.84 6.51 2.11
CA PHE A 52 24.79 7.47 1.55
C PHE A 52 24.23 8.28 0.39
N LEU A 53 23.02 7.99 -0.06
CA LEU A 53 22.36 8.79 -1.09
C LEU A 53 21.22 9.63 -0.56
N ALA A 54 20.66 9.29 0.62
CA ALA A 54 19.53 10.02 1.15
C ALA A 54 19.73 10.48 2.57
N VAL A 55 20.38 9.69 3.42
CA VAL A 55 20.54 10.10 4.82
C VAL A 55 21.71 11.05 4.99
N ASN A 56 22.85 10.73 4.39
CA ASN A 56 24.06 11.55 4.54
C ASN A 56 24.82 11.56 3.22
N ARG A 57 24.66 12.64 2.47
CA ARG A 57 25.28 12.79 1.17
C ARG A 57 26.62 13.54 1.23
N VAL A 58 27.15 13.79 2.45
CA VAL A 58 28.42 14.52 2.57
C VAL A 58 29.52 13.78 1.82
N GLY A 59 30.20 14.49 0.94
CA GLY A 59 31.26 13.90 0.18
C GLY A 59 30.85 13.07 -1.00
N LEU A 60 29.55 12.90 -1.26
CA LEU A 60 29.11 12.17 -2.45
C LEU A 60 29.63 12.83 -3.73
N THR A 61 30.21 12.04 -4.65
CA THR A 61 30.67 12.57 -5.92
C THR A 61 30.03 11.86 -7.09
N TYR A 62 29.51 10.65 -6.91
CA TYR A 62 28.75 9.99 -7.97
C TYR A 62 27.87 8.91 -7.38
N PHE A 63 28.49 7.92 -6.73
CA PHE A 63 27.75 6.80 -6.17
C PHE A 63 28.56 6.27 -4.98
N PRO A 64 27.91 5.92 -3.87
CA PRO A 64 28.67 5.38 -2.72
C PRO A 64 29.14 3.96 -2.99
N VAL A 65 30.44 3.79 -3.23
CA VAL A 65 30.95 2.49 -3.60
C VAL A 65 30.75 1.52 -2.46
N ALA A 66 30.16 0.36 -2.76
CA ALA A 66 29.91 -0.67 -1.76
C ALA A 66 31.03 -1.70 -1.91
N ASP A 67 32.00 -1.63 -1.01
CA ASP A 67 33.10 -2.57 -1.01
C ASP A 67 32.69 -3.86 -0.34
N LEU A 68 33.24 -4.97 -0.84
CA LEU A 68 32.90 -6.25 -0.24
C LEU A 68 33.26 -6.29 1.24
N SER A 69 34.41 -5.74 1.62
CA SER A 69 34.78 -5.86 3.04
C SER A 69 33.74 -5.20 3.95
N ILE A 70 33.19 -4.07 3.50
CA ILE A 70 32.20 -3.33 4.27
C ILE A 70 30.88 -4.12 4.34
N ILE A 71 30.40 -4.60 3.18
CA ILE A 71 29.14 -5.31 3.16
C ILE A 71 29.26 -6.65 3.88
N ALA A 72 30.39 -7.35 3.69
CA ALA A 72 30.60 -8.62 4.37
C ALA A 72 30.65 -8.45 5.88
N ALA A 73 31.24 -7.35 6.36
CA ALA A 73 31.28 -7.13 7.82
C ALA A 73 29.87 -6.87 8.38
N LEU A 74 29.03 -6.10 7.65
CA LEU A 74 27.67 -5.90 8.09
C LEU A 74 26.91 -7.22 8.08
N TYR A 75 27.11 -8.03 7.04
CA TYR A 75 26.44 -9.33 6.92
C TYR A 75 26.84 -10.21 8.08
N ALA A 76 28.12 -10.23 8.42
CA ALA A 76 28.60 -11.02 9.53
C ALA A 76 28.02 -10.54 10.84
N ARG A 77 27.83 -9.23 11.03
CA ARG A 77 27.20 -8.78 12.26
C ARG A 77 25.79 -9.33 12.36
N PHE A 78 25.04 -9.32 11.26
CA PHE A 78 23.67 -9.82 11.31
C PHE A 78 23.65 -11.32 11.60
N THR A 79 24.42 -12.09 10.85
CA THR A 79 24.33 -13.53 11.04
C THR A 79 24.86 -13.92 12.40
N ALA A 80 25.89 -13.23 12.92
CA ALA A 80 26.35 -13.54 14.27
C ALA A 80 25.29 -13.25 15.32
N GLN A 81 24.57 -12.13 15.15
CA GLN A 81 23.50 -11.80 16.10
C GLN A 81 22.41 -12.87 16.08
N ILE A 82 22.01 -13.31 14.90
CA ILE A 82 20.88 -14.25 14.82
C ILE A 82 21.31 -15.64 15.27
N ARG A 83 22.44 -16.13 14.74
CA ARG A 83 22.86 -17.49 15.06
C ARG A 83 23.23 -17.62 16.53
N GLY A 84 23.78 -16.56 17.13
CA GLY A 84 24.11 -16.66 18.55
C GLY A 84 22.88 -16.66 19.43
N ALA A 85 21.80 -16.04 18.99
CA ALA A 85 20.63 -15.84 19.82
C ALA A 85 19.57 -16.90 19.61
N VAL A 86 19.54 -17.57 18.44
CA VAL A 86 18.51 -18.57 18.10
C VAL A 86 19.20 -19.94 18.03
N ASP A 87 18.99 -20.78 19.04
CA ASP A 87 19.58 -22.11 19.07
C ASP A 87 18.55 -23.04 18.44
N LEU A 88 18.81 -23.45 17.18
CA LEU A 88 17.84 -24.27 16.46
C LEU A 88 17.60 -25.64 17.09
N SER A 89 18.56 -26.16 17.87
CA SER A 89 18.37 -27.47 18.46
C SER A 89 17.26 -27.46 19.51
N LEU A 90 16.87 -26.27 19.98
CA LEU A 90 15.77 -26.18 20.92
C LEU A 90 14.42 -26.26 20.22
N TYR A 91 14.42 -26.22 18.88
CA TYR A 91 13.19 -26.12 18.08
C TYR A 91 13.28 -27.10 16.92
N PRO A 92 13.22 -28.39 17.21
CA PRO A 92 13.41 -29.40 16.15
C PRO A 92 12.41 -29.17 15.02
N ARG A 93 12.87 -29.31 13.78
CA ARG A 93 12.01 -29.02 12.64
C ARG A 93 11.39 -30.30 12.11
N GLU A 94 10.13 -30.53 12.47
CA GLU A 94 9.40 -31.68 11.97
C GLU A 94 9.03 -31.44 10.50
N GLY A 95 9.47 -32.34 9.62
CA GLY A 95 9.03 -32.28 8.22
C GLY A 95 9.60 -31.16 7.39
N GLY A 96 10.77 -30.64 7.73
CA GLY A 96 11.35 -29.58 6.95
C GLY A 96 10.60 -28.27 7.06
N VAL A 97 9.78 -28.09 8.10
CA VAL A 97 9.03 -26.86 8.30
C VAL A 97 9.19 -26.40 9.74
N SER A 98 8.92 -25.13 9.94
CA SER A 98 9.21 -24.45 11.19
C SER A 98 8.02 -24.51 12.12
N SER A 99 8.29 -24.26 13.40
CA SER A 99 7.26 -24.26 14.43
C SER A 99 6.92 -22.82 14.84
N ARG A 100 5.73 -22.68 15.44
CA ARG A 100 5.33 -21.35 15.90
C ARG A 100 6.33 -20.82 16.94
N GLU A 101 6.86 -21.70 17.81
CA GLU A 101 7.78 -21.25 18.84
C GLU A 101 9.08 -20.72 18.25
N LEU A 102 9.55 -21.34 17.17
CA LEU A 102 10.76 -20.87 16.50
C LEU A 102 10.52 -19.51 15.83
N VAL A 103 9.37 -19.34 15.16
CA VAL A 103 9.05 -18.04 14.57
C VAL A 103 8.98 -16.99 15.66
N LYS A 104 8.33 -17.31 16.79
CA LYS A 104 8.22 -16.33 17.88
CA LYS A 104 8.22 -16.33 17.87
C LYS A 104 9.60 -15.99 18.44
N LYS A 105 10.49 -16.98 18.54
CA LYS A 105 11.84 -16.71 19.04
C LYS A 105 12.57 -15.74 18.11
N VAL A 106 12.52 -15.98 16.80
CA VAL A 106 13.18 -15.07 15.86
C VAL A 106 12.59 -13.66 15.98
N SER A 107 11.27 -13.56 16.06
N SER A 107 11.27 -13.55 16.10
CA SER A 107 10.62 -12.26 16.24
CA SER A 107 10.65 -12.24 16.23
C SER A 107 11.12 -11.58 17.50
C SER A 107 11.08 -11.56 17.52
N ASP A 108 11.20 -12.32 18.61
CA ASP A 108 11.68 -11.76 19.88
C ASP A 108 13.11 -11.28 19.75
N VAL A 109 13.97 -12.04 19.06
CA VAL A 109 15.37 -11.63 18.91
C VAL A 109 15.46 -10.29 18.16
N ILE A 110 14.72 -10.16 17.06
CA ILE A 110 14.71 -8.88 16.35
C ILE A 110 14.16 -7.77 17.23
N TRP A 111 12.99 -8.00 17.83
CA TRP A 111 12.31 -6.97 18.62
C TRP A 111 13.20 -6.48 19.76
N ASN A 112 13.79 -7.41 20.50
CA ASN A 112 14.56 -7.05 21.68
C ASN A 112 15.86 -6.36 21.32
N SER A 113 16.27 -6.41 20.07
CA SER A 113 17.48 -5.72 19.64
C SER A 113 17.28 -4.25 19.40
N LEU A 114 16.02 -3.81 19.29
CA LEU A 114 15.76 -2.45 18.82
C LEU A 114 15.96 -1.45 19.96
N SER A 115 16.41 -0.25 19.60
CA SER A 115 16.54 0.87 20.52
C SER A 115 15.23 1.08 21.25
N ARG A 116 15.35 1.50 22.51
CA ARG A 116 14.20 1.53 23.40
C ARG A 116 13.20 2.60 23.00
N SER A 117 13.69 3.74 22.52
CA SER A 117 12.82 4.86 22.19
C SER A 117 13.30 5.46 20.89
N TYR A 118 12.41 5.56 19.91
CA TYR A 118 12.69 6.24 18.66
C TYR A 118 11.40 6.45 17.91
N PHE A 119 11.44 7.35 16.93
CA PHE A 119 10.24 7.62 16.13
C PHE A 119 10.06 6.52 15.09
N LYS A 120 8.95 5.80 15.17
CA LYS A 120 8.73 4.61 14.34
C LYS A 120 8.33 4.95 12.91
N ASP A 121 7.95 6.20 12.63
CA ASP A 121 7.54 6.61 11.29
C ASP A 121 8.64 7.35 10.54
N ARG A 122 9.85 7.34 11.07
CA ARG A 122 10.98 7.97 10.42
C ARG A 122 11.25 7.28 9.07
N ALA A 123 11.78 8.05 8.13
CA ALA A 123 12.27 7.48 6.89
C ALA A 123 13.60 6.75 7.13
N HIS A 124 13.88 5.80 6.26
CA HIS A 124 15.17 5.16 6.16
C HIS A 124 15.47 4.24 7.33
N ILE A 125 14.44 3.69 7.97
CA ILE A 125 14.65 2.70 9.03
C ILE A 125 13.97 1.40 8.64
N GLN A 126 14.00 1.08 7.34
CA GLN A 126 13.30 -0.09 6.82
C GLN A 126 14.22 -1.27 6.58
N SER A 127 15.52 -1.05 6.44
CA SER A 127 16.42 -2.07 5.93
C SER A 127 17.23 -2.72 7.05
N LEU A 128 17.93 -3.79 6.68
CA LEU A 128 18.83 -4.41 7.65
C LEU A 128 20.04 -3.53 7.92
N PHE A 129 20.38 -2.61 7.02
CA PHE A 129 21.42 -1.63 7.35
C PHE A 129 21.01 -0.81 8.56
N SER A 130 19.76 -0.35 8.59
CA SER A 130 19.27 0.43 9.73
C SER A 130 19.25 -0.44 10.98
N PHE A 131 18.84 -1.70 10.85
CA PHE A 131 18.81 -2.58 12.01
C PHE A 131 20.20 -2.74 12.62
N ILE A 132 21.22 -2.96 11.78
CA ILE A 132 22.57 -3.20 12.29
C ILE A 132 23.20 -1.91 12.81
N THR A 133 23.13 -0.83 12.03
CA THR A 133 23.91 0.36 12.38
C THR A 133 23.20 1.27 13.36
N GLY A 134 21.86 1.27 13.39
CA GLY A 134 21.10 2.19 14.19
C GLY A 134 20.20 1.50 15.19
N THR A 135 20.14 0.16 15.15
CA THR A 135 19.21 -0.63 15.94
C THR A 135 17.78 -0.08 15.87
N LYS A 136 17.36 0.32 14.68
CA LYS A 136 16.02 0.86 14.45
C LYS A 136 15.39 0.20 13.24
N LEU A 137 14.12 -0.17 13.38
CA LEU A 137 13.31 -0.67 12.28
C LEU A 137 11.91 -0.09 12.39
N ASP A 138 11.29 0.15 11.24
CA ASP A 138 9.87 0.44 11.21
C ASP A 138 9.06 -0.85 11.30
N SER A 139 7.73 -0.72 11.32
N SER A 139 7.72 -0.74 11.33
CA SER A 139 6.91 -1.88 11.64
CA SER A 139 6.89 -1.89 11.67
C SER A 139 7.14 -3.01 10.65
C SER A 139 7.04 -3.03 10.67
N SER A 140 6.93 -2.74 9.37
CA SER A 140 7.08 -3.80 8.39
C SER A 140 8.53 -4.21 8.25
N GLY A 141 9.46 -3.30 8.58
CA GLY A 141 10.87 -3.65 8.61
C GLY A 141 11.18 -4.78 9.58
N VAL A 142 10.49 -4.81 10.71
CA VAL A 142 10.65 -5.92 11.66
C VAL A 142 10.22 -7.22 11.00
N ALA A 143 9.06 -7.22 10.33
CA ALA A 143 8.60 -8.46 9.70
C ALA A 143 9.59 -8.91 8.63
N PHE A 144 10.11 -7.98 7.82
CA PHE A 144 11.08 -8.37 6.79
C PHE A 144 12.34 -8.92 7.45
N ALA A 145 12.82 -8.28 8.52
CA ALA A 145 14.01 -8.76 9.21
C ALA A 145 13.80 -10.17 9.79
N VAL A 146 12.60 -10.47 10.28
CA VAL A 146 12.32 -11.83 10.76
C VAL A 146 12.45 -12.82 9.62
N VAL A 147 11.90 -12.48 8.44
CA VAL A 147 12.01 -13.39 7.30
C VAL A 147 13.47 -13.54 6.88
N GLY A 148 14.23 -12.43 6.84
CA GLY A 148 15.63 -12.55 6.47
C GLY A 148 16.41 -13.38 7.45
N ALA A 149 16.14 -13.20 8.74
CA ALA A 149 16.80 -14.02 9.75
C ALA A 149 16.44 -15.49 9.58
N CYS A 150 15.17 -15.79 9.32
CA CYS A 150 14.77 -17.18 9.10
C CYS A 150 15.48 -17.77 7.90
N GLN A 151 15.58 -16.99 6.80
CA GLN A 151 16.33 -17.50 5.65
C GLN A 151 17.76 -17.80 6.03
N ALA A 152 18.40 -16.89 6.78
CA ALA A 152 19.78 -17.08 7.18
C ALA A 152 19.96 -18.34 8.01
N LEU A 153 18.94 -18.69 8.80
CA LEU A 153 18.94 -19.89 9.63
C LEU A 153 18.56 -21.14 8.86
N GLY A 154 18.19 -21.05 7.58
CA GLY A 154 17.82 -22.21 6.79
C GLY A 154 16.35 -22.56 6.80
N LEU A 155 15.49 -21.66 7.26
CA LEU A 155 14.07 -21.94 7.46
C LEU A 155 13.32 -21.53 6.20
N ARG A 156 13.32 -22.44 5.23
CA ARG A 156 12.89 -22.09 3.87
C ARG A 156 11.40 -21.87 3.81
N ASP A 157 10.64 -22.30 4.82
CA ASP A 157 9.18 -22.19 4.78
C ASP A 157 8.68 -20.86 5.32
N VAL A 158 9.50 -20.05 5.96
CA VAL A 158 9.02 -18.80 6.57
C VAL A 158 9.02 -17.71 5.50
N HIS A 159 7.86 -17.11 5.27
CA HIS A 159 7.71 -16.12 4.23
C HIS A 159 6.94 -14.92 4.73
N LEU A 160 7.16 -13.79 4.06
CA LEU A 160 6.49 -12.55 4.37
C LEU A 160 5.06 -12.56 3.86
N ALA A 161 4.13 -12.14 4.70
CA ALA A 161 2.74 -11.94 4.31
C ALA A 161 2.46 -10.44 4.41
N LEU A 162 1.72 -9.91 3.43
CA LEU A 162 1.51 -8.46 3.35
C LEU A 162 0.06 -8.15 3.07
N SER A 163 -0.53 -7.27 3.88
CA SER A 163 -1.78 -6.64 3.45
C SER A 163 -1.46 -5.26 2.92
N GLU A 164 -2.49 -4.41 2.81
CA GLU A 164 -2.26 -3.06 2.34
C GLU A 164 -1.80 -2.13 3.46
N ASP A 165 -1.78 -2.60 4.72
CA ASP A 165 -1.29 -1.76 5.82
C ASP A 165 -0.60 -2.56 6.91
N HIS A 166 -0.23 -3.81 6.69
CA HIS A 166 0.40 -4.57 7.75
C HIS A 166 1.21 -5.70 7.14
N ALA A 167 2.07 -6.31 7.95
CA ALA A 167 2.94 -7.40 7.50
C ALA A 167 3.04 -8.40 8.63
N TRP A 168 3.17 -9.68 8.26
CA TRP A 168 3.32 -10.77 9.23
C TRP A 168 4.05 -11.89 8.49
N VAL A 169 4.03 -13.11 9.04
CA VAL A 169 4.67 -14.22 8.34
C VAL A 169 3.71 -15.37 8.17
N VAL A 170 3.98 -16.16 7.11
CA VAL A 170 3.39 -17.47 6.93
C VAL A 170 4.49 -18.51 7.09
N PHE A 171 4.13 -19.73 7.50
CA PHE A 171 5.14 -20.76 7.75
C PHE A 171 4.42 -22.09 7.93
N GLY A 172 5.22 -23.15 8.11
CA GLY A 172 4.69 -24.38 8.64
C GLY A 172 4.25 -25.30 7.54
N PRO A 173 3.51 -26.36 7.92
CA PRO A 173 3.03 -27.32 6.92
C PRO A 173 2.25 -26.62 5.82
N ASN A 174 2.65 -26.86 4.56
CA ASN A 174 2.00 -26.25 3.40
C ASN A 174 2.05 -24.72 3.41
N GLY A 175 2.88 -24.11 4.24
CA GLY A 175 2.84 -22.67 4.40
C GLY A 175 1.53 -22.14 4.95
N GLU A 176 0.78 -22.96 5.67
CA GLU A 176 -0.58 -22.63 6.00
C GLU A 176 -0.74 -21.91 7.31
N GLN A 177 0.28 -21.85 8.15
CA GLN A 177 0.20 -21.13 9.42
C GLN A 177 0.52 -19.65 9.22
N THR A 178 -0.09 -18.81 10.05
CA THR A 178 0.23 -17.40 10.11
C THR A 178 0.71 -17.04 11.51
N ALA A 179 1.62 -16.08 11.58
CA ALA A 179 2.05 -15.56 12.87
C ALA A 179 2.33 -14.07 12.75
N GLU A 180 1.79 -13.31 13.70
CA GLU A 180 2.18 -11.93 13.87
C GLU A 180 3.60 -11.89 14.38
N VAL A 181 4.41 -10.95 13.85
CA VAL A 181 5.80 -10.84 14.26
C VAL A 181 6.19 -9.41 14.53
N THR A 182 5.30 -8.43 14.28
CA THR A 182 5.59 -7.03 14.51
C THR A 182 4.35 -6.35 15.06
N TRP A 183 4.46 -5.04 15.33
CA TRP A 183 3.33 -4.26 15.79
C TRP A 183 2.58 -3.68 14.59
N HIS A 184 1.37 -3.19 14.83
CA HIS A 184 0.62 -2.47 13.82
C HIS A 184 0.12 -1.16 14.39
N GLY A 185 0.38 -0.07 13.70
CA GLY A 185 -0.11 1.25 14.04
C GLY A 185 0.45 1.72 15.38
N LYS A 186 -0.28 2.64 16.00
CA LYS A 186 0.19 3.31 17.20
C LYS A 186 -0.88 3.13 18.26
N GLY A 187 -0.46 2.62 19.39
CA GLY A 187 -1.37 2.47 20.51
C GLY A 187 -2.25 1.25 20.44
N ASN A 188 -1.96 0.30 19.58
CA ASN A 188 -2.67 -0.95 19.54
C ASN A 188 -1.92 -1.97 20.40
N GLU A 189 -2.64 -2.96 20.88
CA GLU A 189 -2.04 -4.02 21.67
C GLU A 189 -1.28 -5.02 20.80
N ASP A 190 -0.05 -5.36 21.24
CA ASP A 190 0.78 -6.37 20.60
C ASP A 190 0.05 -7.72 20.49
N ARG A 191 0.12 -8.35 19.31
CA ARG A 191 -0.45 -9.68 19.11
C ARG A 191 0.59 -10.65 18.57
N ARG A 192 1.88 -10.34 18.79
CA ARG A 192 2.94 -11.17 18.26
C ARG A 192 2.77 -12.62 18.69
N GLY A 193 3.00 -13.52 17.74
CA GLY A 193 2.87 -14.94 17.98
C GLY A 193 1.49 -15.51 17.68
N GLN A 194 0.48 -14.67 17.58
CA GLN A 194 -0.86 -15.14 17.27
C GLN A 194 -1.08 -15.26 15.76
N THR A 195 -2.10 -16.04 15.41
CA THR A 195 -2.50 -16.08 14.00
C THR A 195 -3.22 -14.78 13.62
N VAL A 196 -3.53 -14.63 12.32
CA VAL A 196 -4.35 -13.55 11.82
C VAL A 196 -5.82 -13.96 11.65
N ASN A 197 -6.23 -15.11 12.19
CA ASN A 197 -7.57 -15.62 11.91
C ASN A 197 -8.70 -14.74 12.40
N ALA A 198 -8.56 -14.12 13.57
CA ALA A 198 -9.64 -13.25 14.04
C ALA A 198 -9.84 -12.08 13.09
N GLY A 199 -8.74 -11.52 12.57
CA GLY A 199 -8.86 -10.38 11.68
C GLY A 199 -9.45 -10.76 10.34
N VAL A 200 -9.09 -11.95 9.85
CA VAL A 200 -9.69 -12.44 8.62
C VAL A 200 -11.18 -12.67 8.84
N ALA A 201 -11.54 -13.33 9.94
CA ALA A 201 -12.94 -13.65 10.20
C ALA A 201 -13.78 -12.40 10.40
N GLU A 202 -13.23 -11.32 10.91
CA GLU A 202 -14.05 -10.12 11.10
C GLU A 202 -14.20 -9.28 9.85
N ARG A 203 -13.57 -9.67 8.76
CA ARG A 203 -13.72 -9.01 7.47
C ARG A 203 -13.22 -7.58 7.52
N SER A 204 -12.16 -7.33 8.32
CA SER A 204 -11.54 -6.02 8.28
C SER A 204 -10.73 -5.81 7.00
N TRP A 205 -10.53 -4.54 6.66
CA TRP A 205 -9.62 -4.26 5.55
C TRP A 205 -8.20 -4.67 5.90
N LEU A 206 -7.79 -4.54 7.18
CA LEU A 206 -6.42 -4.80 7.53
C LEU A 206 -5.94 -6.20 7.10
N TYR A 207 -6.83 -7.20 7.15
CA TYR A 207 -6.44 -8.56 6.78
C TYR A 207 -7.04 -9.00 5.45
N LEU A 208 -7.72 -8.10 4.71
CA LEU A 208 -8.10 -8.30 3.33
C LEU A 208 -8.99 -9.52 3.14
N LYS A 209 -9.77 -9.92 4.16
CA LYS A 209 -10.63 -11.09 4.05
C LYS A 209 -9.83 -12.35 3.71
N GLY A 210 -8.54 -12.34 4.00
CA GLY A 210 -7.65 -13.46 3.67
C GLY A 210 -6.99 -13.33 2.32
N SER A 211 -7.36 -12.34 1.52
CA SER A 211 -6.78 -12.14 0.20
C SER A 211 -5.54 -11.25 0.27
N TYR A 212 -4.67 -11.55 1.26
CA TYR A 212 -3.42 -10.85 1.41
C TYR A 212 -2.32 -11.53 0.56
N MET A 213 -1.17 -10.85 0.41
CA MET A 213 -0.07 -11.40 -0.36
C MET A 213 0.71 -12.40 0.46
N ARG A 214 0.95 -13.57 -0.09
CA ARG A 214 1.82 -14.60 0.51
C ARG A 214 3.07 -14.63 -0.34
N CYS A 215 4.14 -14.00 0.11
CA CYS A 215 5.30 -13.84 -0.77
C CYS A 215 6.06 -15.14 -0.88
N ASP A 216 6.63 -15.37 -2.06
CA ASP A 216 7.81 -16.22 -2.21
C ASP A 216 9.06 -15.36 -2.04
N ARG A 217 10.24 -15.98 -2.18
CA ARG A 217 11.47 -15.22 -1.99
C ARG A 217 11.62 -14.09 -3.00
N LYS A 218 11.15 -14.30 -4.23
CA LYS A 218 11.28 -13.26 -5.25
C LYS A 218 10.40 -12.06 -4.93
N MET A 219 9.19 -12.32 -4.40
CA MET A 219 8.32 -11.23 -3.96
C MET A 219 8.88 -10.51 -2.74
N GLU A 220 9.62 -11.21 -1.88
CA GLU A 220 10.29 -10.54 -0.76
C GLU A 220 11.36 -9.60 -1.27
N VAL A 221 12.05 -9.98 -2.36
CA VAL A 221 12.95 -9.02 -3.00
C VAL A 221 12.18 -7.82 -3.55
N ALA A 222 11.04 -8.08 -4.21
CA ALA A 222 10.23 -6.96 -4.68
C ALA A 222 9.83 -6.04 -3.53
N PHE A 223 9.45 -6.61 -2.37
CA PHE A 223 9.08 -5.79 -1.21
C PHE A 223 10.21 -4.85 -0.80
N MET A 224 11.44 -5.37 -0.70
CA MET A 224 12.53 -4.49 -0.23
C MET A 224 12.85 -3.42 -1.26
N VAL A 225 12.61 -3.70 -2.57
CA VAL A 225 12.78 -2.68 -3.60
C VAL A 225 11.70 -1.62 -3.47
N CYS A 226 10.44 -2.02 -3.31
CA CYS A 226 9.40 -1.03 -3.03
C CYS A 226 9.67 -0.25 -1.76
N ALA A 227 10.36 -0.86 -0.80
CA ALA A 227 10.64 -0.20 0.47
C ALA A 227 11.78 0.83 0.35
N ILE A 228 12.54 0.88 -0.75
CA ILE A 228 13.50 1.97 -0.93
C ILE A 228 12.77 3.28 -0.74
N ASN A 229 13.41 4.21 -0.03
CA ASN A 229 12.83 5.53 0.21
C ASN A 229 13.79 6.56 -0.36
N PRO A 230 13.51 7.10 -1.55
CA PRO A 230 14.39 8.11 -2.15
C PRO A 230 14.36 9.48 -1.48
N SER A 231 13.50 9.71 -0.49
N SER A 231 13.51 9.73 -0.49
CA SER A 231 13.37 11.04 0.08
CA SER A 231 13.33 11.08 0.01
C SER A 231 14.66 11.48 0.75
C SER A 231 14.53 11.55 0.82
N ILE A 232 15.12 12.67 0.41
CA ILE A 232 16.18 13.32 1.18
C ILE A 232 15.56 14.20 2.23
N ASP A 233 14.59 15.03 1.83
CA ASP A 233 13.81 15.86 2.75
C ASP A 233 12.43 16.06 2.14
N LEU A 234 11.60 16.92 2.77
CA LEU A 234 10.23 17.12 2.30
C LEU A 234 10.18 17.59 0.84
N HIS A 235 11.22 18.28 0.37
CA HIS A 235 11.18 18.91 -0.94
C HIS A 235 12.04 18.23 -1.98
N THR A 236 12.83 17.22 -1.59
CA THR A 236 13.90 16.74 -2.44
C THR A 236 13.96 15.22 -2.37
N ASP A 237 13.98 14.59 -3.53
CA ASP A 237 14.26 13.17 -3.66
C ASP A 237 15.62 12.94 -4.31
N SER A 238 16.25 11.83 -3.94
CA SER A 238 17.47 11.37 -4.59
C SER A 238 17.12 10.83 -5.98
N LEU A 239 17.63 11.50 -7.02
CA LEU A 239 17.43 10.99 -8.38
C LEU A 239 18.08 9.62 -8.51
N GLU A 240 19.20 9.42 -7.79
CA GLU A 240 19.92 8.16 -7.90
C GLU A 240 19.06 7.02 -7.36
N LEU A 241 18.42 7.25 -6.19
CA LEU A 241 17.59 6.19 -5.63
C LEU A 241 16.30 5.97 -6.42
N LEU A 242 15.73 7.02 -7.00
CA LEU A 242 14.59 6.84 -7.89
C LEU A 242 14.97 5.96 -9.05
N GLN A 243 16.12 6.25 -9.68
CA GLN A 243 16.57 5.46 -10.82
C GLN A 243 16.81 4.02 -10.40
N LEU A 244 17.45 3.83 -9.23
CA LEU A 244 17.74 2.46 -8.79
C LEU A 244 16.44 1.69 -8.56
N GLN A 245 15.48 2.31 -7.86
CA GLN A 245 14.21 1.63 -7.60
C GLN A 245 13.50 1.30 -8.89
N GLN A 246 13.51 2.23 -9.85
CA GLN A 246 12.87 2.03 -11.13
C GLN A 246 13.52 0.89 -11.92
N LYS A 247 14.86 0.88 -12.00
CA LYS A 247 15.54 -0.19 -12.72
C LYS A 247 15.32 -1.53 -12.05
N LEU A 248 15.32 -1.57 -10.72
CA LEU A 248 15.13 -2.85 -10.03
C LEU A 248 13.69 -3.34 -10.23
N LEU A 249 12.71 -2.43 -10.21
CA LEU A 249 11.34 -2.85 -10.49
C LEU A 249 11.18 -3.38 -11.91
N TRP A 250 11.88 -2.77 -12.89
CA TRP A 250 11.80 -3.32 -14.26
C TRP A 250 12.46 -4.69 -14.34
N LEU A 251 13.57 -4.90 -13.62
CA LEU A 251 14.19 -6.22 -13.57
C LEU A 251 13.22 -7.25 -13.04
N LEU A 252 12.59 -6.93 -11.90
CA LEU A 252 11.62 -7.82 -11.32
C LEU A 252 10.42 -8.05 -12.25
N TYR A 253 9.96 -6.97 -12.90
CA TYR A 253 8.85 -7.08 -13.83
C TYR A 253 9.15 -8.06 -14.94
N ASP A 254 10.36 -7.95 -15.53
CA ASP A 254 10.72 -8.76 -16.68
C ASP A 254 10.84 -10.22 -16.30
N LEU A 255 11.24 -10.49 -15.06
CA LEU A 255 11.37 -11.86 -14.58
C LEU A 255 10.04 -12.44 -14.11
N GLY A 256 8.96 -11.66 -14.08
CA GLY A 256 7.65 -12.15 -13.69
C GLY A 256 7.34 -11.97 -12.22
N HIS A 257 8.21 -11.30 -11.45
CA HIS A 257 8.07 -11.29 -10.01
C HIS A 257 7.18 -10.19 -9.49
N LEU A 258 6.60 -9.37 -10.37
CA LEU A 258 5.59 -8.40 -9.96
C LEU A 258 4.18 -8.86 -10.30
N GLU A 259 4.04 -10.03 -10.91
N GLU A 259 4.01 -10.03 -10.91
CA GLU A 259 2.76 -10.54 -11.39
CA GLU A 259 2.69 -10.44 -11.40
C GLU A 259 1.71 -10.55 -10.31
C GLU A 259 1.68 -10.53 -10.28
N ARG A 260 2.11 -10.88 -9.06
CA ARG A 260 1.22 -11.03 -7.92
C ARG A 260 1.42 -9.91 -6.91
N TYR A 261 1.91 -8.74 -7.36
CA TYR A 261 2.22 -7.62 -6.46
C TYR A 261 1.58 -6.36 -7.00
N PRO A 262 0.27 -6.18 -6.81
CA PRO A 262 -0.41 -5.02 -7.40
C PRO A 262 0.24 -3.69 -7.10
N MET A 263 0.56 -3.44 -5.82
CA MET A 263 1.08 -2.10 -5.51
C MET A 263 2.45 -1.84 -6.11
N ALA A 264 3.26 -2.87 -6.30
CA ALA A 264 4.55 -2.67 -6.97
C ALA A 264 4.36 -2.18 -8.39
N LEU A 265 3.33 -2.68 -9.07
CA LEU A 265 3.04 -2.19 -10.41
C LEU A 265 2.62 -0.72 -10.39
N GLY A 266 1.85 -0.32 -9.38
CA GLY A 266 1.51 1.10 -9.23
C GLY A 266 2.73 1.96 -8.93
N ASN A 267 3.66 1.44 -8.11
CA ASN A 267 4.90 2.17 -7.83
C ASN A 267 5.70 2.37 -9.11
N LEU A 268 5.80 1.30 -9.91
CA LEU A 268 6.51 1.39 -11.18
C LEU A 268 5.85 2.39 -12.14
N ALA A 269 4.51 2.38 -12.21
CA ALA A 269 3.79 3.35 -13.01
C ALA A 269 4.09 4.77 -12.55
N ASP A 270 4.06 5.01 -11.22
CA ASP A 270 4.36 6.35 -10.73
C ASP A 270 5.78 6.78 -11.11
N LEU A 271 6.74 5.85 -11.06
CA LEU A 271 8.11 6.19 -11.44
C LEU A 271 8.20 6.50 -12.92
N GLU A 272 7.49 5.74 -13.76
CA GLU A 272 7.46 6.01 -15.19
C GLU A 272 6.80 7.35 -15.49
N GLU A 273 5.77 7.74 -14.73
CA GLU A 273 5.17 9.05 -14.95
C GLU A 273 6.18 10.16 -14.66
N LEU A 274 6.97 9.97 -13.61
CA LEU A 274 7.98 10.93 -13.24
C LEU A 274 9.09 11.03 -14.29
N GLU A 275 9.59 9.90 -14.77
CA GLU A 275 10.67 9.89 -15.76
C GLU A 275 10.53 8.65 -16.62
N PRO A 276 9.88 8.78 -17.78
CA PRO A 276 9.58 7.56 -18.55
C PRO A 276 10.83 6.92 -19.11
N THR A 277 10.81 5.60 -19.11
CA THR A 277 11.88 4.82 -19.72
C THR A 277 11.52 4.54 -21.17
N PRO A 278 12.33 4.95 -22.16
CA PRO A 278 12.00 4.66 -23.55
C PRO A 278 11.78 3.18 -23.77
N GLY A 279 10.77 2.86 -24.59
CA GLY A 279 10.47 1.49 -24.93
C GLY A 279 9.69 0.70 -23.89
N ARG A 280 9.26 1.31 -22.78
CA ARG A 280 8.47 0.62 -21.76
C ARG A 280 6.99 1.02 -21.83
N PRO A 281 6.13 0.23 -21.21
CA PRO A 281 4.70 0.56 -21.20
C PRO A 281 4.46 1.91 -20.54
N ASP A 282 3.37 2.55 -20.95
CA ASP A 282 2.94 3.79 -20.33
C ASP A 282 2.47 3.57 -18.88
N PRO A 283 2.51 4.63 -18.06
CA PRO A 283 1.94 4.52 -16.72
C PRO A 283 0.54 3.93 -16.71
N LEU A 284 -0.38 4.39 -17.55
N LEU A 284 -0.35 4.38 -17.58
CA LEU A 284 -1.74 3.84 -17.51
CA LEU A 284 -1.73 3.89 -17.56
C LEU A 284 -1.75 2.34 -17.71
C LEU A 284 -1.79 2.38 -17.76
N THR A 285 -0.97 1.83 -18.67
CA THR A 285 -0.91 0.38 -18.85
C THR A 285 -0.48 -0.31 -17.56
N LEU A 286 0.51 0.25 -16.87
CA LEU A 286 1.00 -0.34 -15.63
C LEU A 286 -0.04 -0.24 -14.51
N TYR A 287 -0.76 0.89 -14.38
CA TYR A 287 -1.80 0.95 -13.36
C TYR A 287 -2.86 -0.10 -13.63
N HIS A 288 -3.24 -0.27 -14.92
CA HIS A 288 -4.23 -1.29 -15.24
C HIS A 288 -3.71 -2.69 -15.00
N LYS A 289 -2.40 -2.94 -15.18
N LYS A 289 -2.40 -2.93 -15.18
CA LYS A 289 -1.84 -4.24 -14.84
CA LYS A 289 -1.83 -4.23 -14.83
C LYS A 289 -1.90 -4.48 -13.33
C LYS A 289 -1.90 -4.48 -13.34
N GLY A 290 -1.70 -3.44 -12.53
CA GLY A 290 -1.82 -3.62 -11.07
C GLY A 290 -3.23 -3.98 -10.67
N ILE A 291 -4.24 -3.35 -11.30
CA ILE A 291 -5.63 -3.70 -11.03
C ILE A 291 -5.91 -5.12 -11.52
N ALA A 292 -5.38 -5.48 -12.70
CA ALA A 292 -5.58 -6.84 -13.19
C ALA A 292 -5.00 -7.86 -12.23
N SER A 293 -3.82 -7.57 -11.67
CA SER A 293 -3.21 -8.48 -10.71
C SER A 293 -4.11 -8.68 -9.49
N ALA A 294 -4.68 -7.57 -8.97
CA ALA A 294 -5.57 -7.69 -7.83
C ALA A 294 -6.82 -8.51 -8.18
N LYS A 295 -7.39 -8.30 -9.36
CA LYS A 295 -8.56 -9.08 -9.77
C LYS A 295 -8.19 -10.56 -9.93
N THR A 296 -7.02 -10.85 -10.48
CA THR A 296 -6.65 -12.23 -10.82
C THR A 296 -6.26 -13.02 -9.60
N TYR A 297 -5.46 -12.43 -8.70
CA TYR A 297 -4.86 -13.19 -7.61
C TYR A 297 -5.51 -12.93 -6.28
N TYR A 298 -6.24 -11.83 -6.12
CA TYR A 298 -6.69 -11.39 -4.82
C TYR A 298 -8.19 -11.08 -4.79
N ARG A 299 -8.94 -11.67 -5.72
CA ARG A 299 -10.40 -11.59 -5.72
C ARG A 299 -10.88 -10.16 -5.84
N ASP A 300 -10.08 -9.26 -6.38
CA ASP A 300 -10.47 -7.85 -6.50
C ASP A 300 -10.80 -7.25 -5.15
N GLU A 301 -10.01 -7.60 -4.13
CA GLU A 301 -10.28 -7.18 -2.76
C GLU A 301 -9.30 -6.13 -2.27
N HIS A 302 -8.48 -5.55 -3.17
CA HIS A 302 -7.50 -4.55 -2.77
C HIS A 302 -7.98 -3.14 -3.17
N ILE A 303 -7.65 -2.15 -2.33
CA ILE A 303 -8.08 -0.77 -2.57
C ILE A 303 -7.02 0.03 -3.32
N TYR A 304 -5.75 -0.13 -2.92
CA TYR A 304 -4.73 0.77 -3.45
C TYR A 304 -4.53 0.70 -4.96
N PRO A 305 -4.71 -0.44 -5.66
CA PRO A 305 -4.52 -0.37 -7.12
C PRO A 305 -5.41 0.66 -7.78
N TYR A 306 -6.66 0.79 -7.32
CA TYR A 306 -7.52 1.83 -7.85
C TYR A 306 -7.13 3.22 -7.41
N MET A 307 -6.63 3.37 -6.17
CA MET A 307 -6.14 4.65 -5.70
C MET A 307 -4.96 5.12 -6.52
N TYR A 308 -4.01 4.22 -6.84
CA TYR A 308 -2.89 4.61 -7.70
C TYR A 308 -3.40 5.15 -9.03
N LEU A 309 -4.39 4.48 -9.62
CA LEU A 309 -4.94 4.94 -10.89
C LEU A 309 -5.64 6.29 -10.73
N ALA A 310 -6.45 6.41 -9.69
CA ALA A 310 -7.17 7.65 -9.46
C ALA A 310 -6.19 8.80 -9.26
N GLY A 311 -5.11 8.57 -8.53
CA GLY A 311 -4.17 9.64 -8.28
C GLY A 311 -3.51 10.12 -9.56
N TYR A 312 -3.17 9.20 -10.45
CA TYR A 312 -2.65 9.60 -11.76
C TYR A 312 -3.66 10.47 -12.50
N HIS A 313 -4.92 10.03 -12.58
CA HIS A 313 -5.90 10.84 -13.27
C HIS A 313 -6.10 12.18 -12.61
N CYS A 314 -6.10 12.21 -11.28
CA CYS A 314 -6.26 13.47 -10.56
C CYS A 314 -5.11 14.44 -10.87
N ARG A 315 -3.87 13.92 -10.95
CA ARG A 315 -2.72 14.78 -11.25
C ARG A 315 -2.80 15.32 -12.65
N ASN A 316 -3.36 14.52 -13.56
CA ASN A 316 -3.55 14.91 -14.94
C ASN A 316 -4.86 15.66 -15.15
N ARG A 317 -5.58 16.00 -14.05
CA ARG A 317 -6.83 16.75 -14.07
C ARG A 317 -7.86 16.09 -14.96
N ASN A 318 -7.82 14.76 -15.01
CA ASN A 318 -8.81 14.01 -15.75
C ASN A 318 -9.91 13.60 -14.79
N VAL A 319 -10.87 14.49 -14.66
CA VAL A 319 -11.88 14.35 -13.61
C VAL A 319 -12.71 13.10 -13.82
N ARG A 320 -13.15 12.86 -15.04
CA ARG A 320 -14.00 11.71 -15.33
C ARG A 320 -13.35 10.40 -14.92
N GLU A 321 -12.09 10.21 -15.32
N GLU A 321 -12.11 10.16 -15.36
CA GLU A 321 -11.42 8.96 -15.05
CA GLU A 321 -11.46 8.89 -15.03
C GLU A 321 -11.00 8.84 -13.59
C GLU A 321 -11.03 8.82 -13.58
N ALA A 322 -10.72 9.95 -12.93
CA ALA A 322 -10.42 9.93 -11.50
C ALA A 322 -11.67 9.52 -10.74
N LEU A 323 -12.83 10.13 -11.08
CA LEU A 323 -14.07 9.75 -10.41
C LEU A 323 -14.39 8.29 -10.64
N GLN A 324 -14.19 7.79 -11.86
CA GLN A 324 -14.45 6.37 -12.08
C GLN A 324 -13.58 5.49 -11.19
N ALA A 325 -12.30 5.81 -11.10
CA ALA A 325 -11.39 5.01 -10.29
C ALA A 325 -11.75 5.09 -8.80
N TRP A 326 -12.16 6.27 -8.32
CA TRP A 326 -12.61 6.36 -6.93
C TRP A 326 -13.91 5.60 -6.71
N ALA A 327 -14.85 5.65 -7.65
CA ALA A 327 -16.04 4.79 -7.55
C ALA A 327 -15.62 3.34 -7.42
N ASP A 328 -14.60 2.91 -8.18
CA ASP A 328 -14.12 1.54 -8.10
C ASP A 328 -13.47 1.24 -6.73
N THR A 329 -12.77 2.22 -6.12
CA THR A 329 -12.25 1.97 -4.76
C THR A 329 -13.41 1.68 -3.81
N ALA A 330 -14.51 2.45 -3.96
CA ALA A 330 -15.63 2.29 -3.04
C ALA A 330 -16.37 1.00 -3.29
N THR A 331 -16.36 0.51 -4.53
CA THR A 331 -17.02 -0.76 -4.82
C THR A 331 -16.25 -1.92 -4.20
N VAL A 332 -14.92 -1.77 -4.04
CA VAL A 332 -14.15 -2.76 -3.26
C VAL A 332 -14.47 -2.66 -1.77
N ILE A 333 -14.41 -1.45 -1.21
CA ILE A 333 -14.51 -1.32 0.24
C ILE A 333 -15.89 -1.75 0.74
N GLN A 334 -16.92 -1.69 -0.12
CA GLN A 334 -18.28 -1.89 0.37
C GLN A 334 -18.47 -3.27 0.98
N ASP A 335 -17.65 -4.26 0.59
CA ASP A 335 -17.80 -5.62 1.07
C ASP A 335 -16.92 -5.91 2.28
N TYR A 336 -16.35 -4.91 2.91
CA TYR A 336 -15.60 -5.04 4.15
C TYR A 336 -16.44 -4.53 5.33
N ASN A 337 -16.04 -4.92 6.52
CA ASN A 337 -16.53 -4.29 7.74
C ASN A 337 -15.45 -3.35 8.24
N TYR A 338 -15.83 -2.14 8.60
CA TYR A 338 -14.87 -1.14 9.10
C TYR A 338 -14.56 -1.45 10.54
N CYS A 339 -13.33 -1.86 10.81
CA CYS A 339 -12.93 -2.36 12.11
C CYS A 339 -11.87 -1.47 12.72
N ARG A 340 -11.70 -1.62 14.03
CA ARG A 340 -10.62 -0.97 14.71
C ARG A 340 -9.37 -1.55 14.03
N GLU A 341 -8.47 -0.68 13.71
CA GLU A 341 -7.19 -0.88 13.09
C GLU A 341 -7.27 -0.68 11.58
N ASP A 342 -8.43 -0.28 11.03
CA ASP A 342 -8.55 0.08 9.61
C ASP A 342 -8.44 1.57 9.36
N GLU A 343 -7.97 2.34 10.33
CA GLU A 343 -8.01 3.79 10.19
C GLU A 343 -7.24 4.33 8.99
N GLU A 344 -6.19 3.65 8.52
CA GLU A 344 -5.44 4.20 7.38
C GLU A 344 -6.31 4.28 6.15
N ILE A 345 -7.16 3.28 5.91
CA ILE A 345 -7.97 3.34 4.70
C ILE A 345 -9.14 4.32 4.88
N TYR A 346 -9.67 4.46 6.11
CA TYR A 346 -10.64 5.51 6.40
C TYR A 346 -10.06 6.87 6.05
N LYS A 347 -8.79 7.12 6.43
CA LYS A 347 -8.17 8.40 6.11
C LYS A 347 -8.11 8.65 4.61
N GLU A 348 -7.81 7.61 3.81
CA GLU A 348 -7.75 7.79 2.36
C GLU A 348 -9.12 8.20 1.84
N PHE A 349 -10.18 7.45 2.26
CA PHE A 349 -11.50 7.82 1.75
C PHE A 349 -11.91 9.20 2.22
N PHE A 350 -11.63 9.51 3.49
CA PHE A 350 -12.01 10.82 4.03
C PHE A 350 -11.34 11.94 3.23
N GLU A 351 -10.05 11.80 2.98
CA GLU A 351 -9.35 12.85 2.22
C GLU A 351 -9.84 12.94 0.79
N VAL A 352 -10.10 11.81 0.15
CA VAL A 352 -10.65 11.87 -1.22
C VAL A 352 -12.00 12.58 -1.23
N ALA A 353 -12.90 12.18 -0.32
CA ALA A 353 -14.25 12.74 -0.33
C ALA A 353 -14.25 14.21 0.06
N ASN A 354 -13.41 14.57 1.04
CA ASN A 354 -13.59 15.84 1.74
C ASN A 354 -12.52 16.84 1.43
N ASP A 355 -11.57 16.50 0.57
CA ASP A 355 -10.55 17.43 0.16
C ASP A 355 -10.26 17.31 -1.34
N VAL A 356 -9.92 16.11 -1.81
CA VAL A 356 -9.44 15.97 -3.17
C VAL A 356 -10.58 16.20 -4.18
N ILE A 357 -11.70 15.48 -4.01
CA ILE A 357 -12.83 15.67 -4.93
C ILE A 357 -13.32 17.12 -4.88
N PRO A 358 -13.51 17.73 -3.70
CA PRO A 358 -13.93 19.13 -3.70
C PRO A 358 -13.00 20.03 -4.49
N ASN A 359 -11.69 19.86 -4.34
CA ASN A 359 -10.75 20.73 -5.06
C ASN A 359 -10.82 20.50 -6.56
N LEU A 360 -10.94 19.23 -6.97
CA LEU A 360 -11.02 18.93 -8.40
C LEU A 360 -12.28 19.54 -8.99
N LEU A 361 -13.41 19.42 -8.30
CA LEU A 361 -14.68 19.93 -8.82
C LEU A 361 -14.71 21.46 -8.79
N LYS A 362 -14.01 22.09 -7.83
CA LYS A 362 -13.95 23.55 -7.79
C LYS A 362 -13.26 24.07 -9.05
N GLU A 363 -12.11 23.48 -9.39
CA GLU A 363 -11.44 23.87 -10.62
C GLU A 363 -12.30 23.56 -11.84
N ALA A 364 -12.92 22.39 -11.87
CA ALA A 364 -13.80 22.07 -13.00
C ALA A 364 -14.89 23.12 -13.14
N ALA A 365 -15.45 23.59 -12.04
CA ALA A 365 -16.49 24.60 -12.10
C ALA A 365 -15.97 25.90 -12.68
N SER A 366 -14.76 26.31 -12.28
CA SER A 366 -14.20 27.53 -12.84
C SER A 366 -13.96 27.37 -14.34
N LEU A 367 -13.49 26.19 -14.76
CA LEU A 367 -13.23 25.97 -16.18
C LEU A 367 -14.53 25.92 -16.98
N LEU A 368 -15.60 25.40 -16.37
CA LEU A 368 -16.90 25.36 -17.02
C LEU A 368 -17.41 26.77 -17.23
N GLU A 369 -17.22 27.62 -16.22
CA GLU A 369 -17.62 29.02 -16.34
C GLU A 369 -16.88 29.70 -17.49
N ALA A 370 -15.64 29.30 -17.73
CA ALA A 370 -14.82 29.83 -18.80
C ALA A 370 -15.07 29.13 -20.13
N GLY A 371 -16.06 28.24 -20.21
CA GLY A 371 -16.49 27.70 -21.49
C GLY A 371 -15.93 26.34 -21.85
N SER A 372 -15.40 25.62 -20.88
CA SER A 372 -14.91 24.28 -21.19
C SER A 372 -16.02 23.41 -21.79
N GLN A 373 -15.63 22.56 -22.73
CA GLN A 373 -16.49 21.61 -23.41
C GLN A 373 -16.16 20.20 -22.94
N GLY A 374 -17.18 19.33 -22.94
CA GLY A 374 -16.98 17.98 -22.45
C GLY A 374 -16.62 17.88 -20.98
N SER A 375 -16.95 18.90 -20.20
CA SER A 375 -16.65 18.91 -18.76
C SER A 375 -17.28 17.72 -18.07
N ALA A 376 -16.55 17.16 -17.10
CA ALA A 376 -17.13 16.16 -16.22
C ALA A 376 -18.40 16.69 -15.57
N LEU A 377 -18.47 18.01 -15.31
CA LEU A 377 -19.65 18.52 -14.60
C LEU A 377 -20.90 18.53 -15.46
N GLN A 378 -20.75 18.33 -16.77
CA GLN A 378 -21.89 18.21 -17.66
C GLN A 378 -22.10 16.78 -18.14
N ASP A 379 -21.39 15.82 -17.53
CA ASP A 379 -21.47 14.43 -17.92
C ASP A 379 -22.26 13.66 -16.86
N PRO A 380 -23.47 13.20 -17.16
CA PRO A 380 -24.20 12.43 -16.13
C PRO A 380 -23.47 11.16 -15.70
N GLU A 381 -22.62 10.56 -16.55
CA GLU A 381 -21.86 9.40 -16.09
C GLU A 381 -20.88 9.79 -14.98
N CYS A 382 -20.38 11.02 -14.98
CA CYS A 382 -19.50 11.45 -13.90
C CYS A 382 -20.28 11.69 -12.61
N PHE A 383 -21.49 12.24 -12.72
CA PHE A 383 -22.35 12.32 -11.55
C PHE A 383 -22.62 10.94 -11.00
N ALA A 384 -22.88 9.96 -11.89
CA ALA A 384 -23.10 8.58 -11.43
C ALA A 384 -21.88 8.03 -10.71
N HIS A 385 -20.66 8.34 -11.20
CA HIS A 385 -19.46 7.87 -10.49
C HIS A 385 -19.40 8.46 -9.09
N LEU A 386 -19.69 9.77 -8.95
CA LEU A 386 -19.71 10.36 -7.63
C LEU A 386 -20.68 9.66 -6.71
N LEU A 387 -21.88 9.38 -7.22
CA LEU A 387 -22.88 8.67 -6.42
C LEU A 387 -22.43 7.27 -6.06
N ARG A 388 -21.76 6.57 -6.99
CA ARG A 388 -21.32 5.21 -6.70
C ARG A 388 -20.22 5.22 -5.64
N PHE A 389 -19.38 6.26 -5.65
CA PHE A 389 -18.36 6.41 -4.59
C PHE A 389 -19.02 6.53 -3.23
N TYR A 390 -20.00 7.43 -3.08
CA TYR A 390 -20.67 7.53 -1.80
C TYR A 390 -21.44 6.26 -1.46
N ASP A 391 -22.04 5.61 -2.45
CA ASP A 391 -22.79 4.38 -2.19
C ASP A 391 -21.89 3.31 -1.57
N GLY A 392 -20.69 3.12 -2.10
CA GLY A 392 -19.82 2.08 -1.55
C GLY A 392 -19.37 2.41 -0.14
N ILE A 393 -19.11 3.68 0.14
CA ILE A 393 -18.75 4.06 1.50
C ILE A 393 -19.92 3.80 2.45
N CYS A 394 -21.15 4.14 2.03
CA CYS A 394 -22.31 3.87 2.87
C CYS A 394 -22.49 2.37 3.07
N LYS A 395 -22.26 1.57 2.03
CA LYS A 395 -22.43 0.13 2.17
C LYS A 395 -21.36 -0.46 3.08
N TRP A 396 -20.13 0.05 2.96
CA TRP A 396 -19.04 -0.34 3.87
C TRP A 396 -19.48 -0.24 5.30
N GLU A 397 -20.08 0.90 5.64
CA GLU A 397 -20.52 1.15 7.00
C GLU A 397 -21.55 0.13 7.50
N GLU A 398 -22.41 -0.37 6.63
CA GLU A 398 -23.48 -1.29 7.07
C GLU A 398 -22.88 -2.54 7.69
N GLY A 399 -23.36 -2.90 8.88
CA GLY A 399 -22.86 -4.07 9.56
C GLY A 399 -21.51 -3.91 10.20
N SER A 400 -20.91 -2.73 10.17
CA SER A 400 -19.59 -2.57 10.71
C SER A 400 -19.64 -2.33 12.21
N PRO A 401 -18.61 -2.75 12.94
CA PRO A 401 -18.61 -2.50 14.37
C PRO A 401 -18.37 -1.07 14.71
N THR A 402 -17.82 -0.27 13.78
CA THR A 402 -17.64 1.15 14.03
C THR A 402 -18.19 1.92 12.85
N PRO A 403 -18.81 3.07 13.07
CA PRO A 403 -19.39 3.83 11.96
C PRO A 403 -18.33 4.57 11.17
N VAL A 404 -18.73 4.92 9.94
CA VAL A 404 -17.87 5.64 8.99
C VAL A 404 -18.30 7.09 8.84
N LEU A 405 -19.56 7.32 8.47
CA LEU A 405 -20.00 8.66 8.13
C LEU A 405 -20.38 9.44 9.37
N HIS A 406 -20.25 10.75 9.24
CA HIS A 406 -20.72 11.65 10.28
C HIS A 406 -20.98 12.99 9.61
N VAL A 407 -21.48 13.95 10.39
CA VAL A 407 -21.88 15.19 9.78
C VAL A 407 -20.71 15.94 9.15
N GLY A 408 -19.48 15.69 9.60
CA GLY A 408 -18.33 16.33 8.97
C GLY A 408 -18.12 15.93 7.52
N TRP A 409 -18.77 14.86 7.05
CA TRP A 409 -18.81 14.48 5.63
C TRP A 409 -19.95 15.16 4.87
N ALA A 410 -20.95 15.65 5.58
CA ALA A 410 -22.21 15.93 4.91
C ALA A 410 -22.16 17.23 4.12
N THR A 411 -21.48 18.24 4.64
CA THR A 411 -21.40 19.50 3.89
C THR A 411 -20.62 19.30 2.59
N PHE A 412 -19.55 18.48 2.59
CA PHE A 412 -18.81 18.25 1.37
C PHE A 412 -19.66 17.48 0.36
N LEU A 413 -20.44 16.50 0.80
CA LEU A 413 -21.35 15.84 -0.12
C LEU A 413 -22.30 16.83 -0.76
N VAL A 414 -22.96 17.68 0.04
CA VAL A 414 -23.90 18.64 -0.53
C VAL A 414 -23.20 19.55 -1.55
N GLN A 415 -22.00 20.02 -1.22
CA GLN A 415 -21.26 20.89 -2.12
C GLN A 415 -20.89 20.17 -3.40
N SER A 416 -20.41 18.93 -3.31
CA SER A 416 -20.01 18.22 -4.52
C SER A 416 -21.20 17.88 -5.39
N LEU A 417 -22.31 17.43 -4.81
CA LEU A 417 -23.52 17.18 -5.59
C LEU A 417 -23.92 18.45 -6.34
N GLY A 418 -23.84 19.60 -5.65
CA GLY A 418 -24.29 20.84 -6.25
C GLY A 418 -23.38 21.39 -7.33
N ARG A 419 -22.19 20.84 -7.49
CA ARG A 419 -21.33 21.21 -8.62
C ARG A 419 -21.92 20.75 -9.96
N PHE A 420 -22.82 19.78 -9.96
CA PHE A 420 -23.50 19.31 -11.16
C PHE A 420 -24.86 20.02 -11.19
N GLU A 421 -25.17 20.67 -12.29
CA GLU A 421 -26.47 21.32 -12.41
C GLU A 421 -27.58 20.27 -12.40
N GLY A 422 -28.76 20.71 -11.97
CA GLY A 422 -29.89 19.80 -11.87
C GLY A 422 -30.20 19.07 -13.18
N GLN A 423 -30.05 19.75 -14.33
CA GLN A 423 -30.33 19.10 -15.62
C GLN A 423 -29.36 17.97 -15.91
N VAL A 424 -28.14 18.05 -15.39
CA VAL A 424 -27.20 16.93 -15.51
C VAL A 424 -27.61 15.79 -14.58
N ARG A 425 -27.87 16.14 -13.32
CA ARG A 425 -28.22 15.15 -12.30
C ARG A 425 -29.48 14.38 -12.70
N GLN A 426 -30.44 15.07 -13.34
CA GLN A 426 -31.68 14.43 -13.75
C GLN A 426 -31.47 13.30 -14.75
N LYS A 427 -30.37 13.33 -15.48
CA LYS A 427 -30.16 12.34 -16.53
CA LYS A 427 -30.18 12.33 -16.52
C LYS A 427 -29.74 10.97 -15.99
N VAL A 428 -29.35 10.84 -14.72
CA VAL A 428 -29.01 9.52 -14.18
C VAL A 428 -30.30 8.84 -13.72
N ARG A 429 -30.56 7.64 -14.24
CA ARG A 429 -31.68 6.82 -13.80
C ARG A 429 -31.18 5.90 -12.70
N ILE A 430 -31.76 6.02 -11.53
CA ILE A 430 -31.42 5.18 -10.40
C ILE A 430 -32.45 4.08 -10.33
N VAL A 431 -31.99 2.85 -10.53
CA VAL A 431 -32.90 1.73 -10.66
C VAL A 431 -32.66 0.73 -9.54
N SER A 432 -33.71 -0.01 -9.21
CA SER A 432 -33.69 -0.91 -8.08
C SER A 432 -33.47 -2.34 -8.57
N PRO A 445 -27.63 6.95 -18.87
CA PRO A 445 -26.85 6.58 -17.68
C PRO A 445 -27.72 5.93 -16.57
N VAL A 446 -27.33 4.75 -16.08
CA VAL A 446 -28.12 3.97 -15.14
C VAL A 446 -27.24 3.55 -13.98
N LEU A 447 -27.79 3.60 -12.78
CA LEU A 447 -27.02 3.27 -11.58
C LEU A 447 -27.94 2.53 -10.63
N THR A 448 -27.40 1.51 -9.99
CA THR A 448 -28.09 0.83 -8.90
CA THR A 448 -28.08 0.82 -8.90
C THR A 448 -27.32 1.07 -7.60
N PHE A 449 -28.03 1.37 -6.53
CA PHE A 449 -27.43 1.54 -5.22
C PHE A 449 -27.44 0.25 -4.43
N GLN A 450 -26.34 -0.02 -3.75
CA GLN A 450 -26.26 -1.13 -2.82
C GLN A 450 -26.58 -0.71 -1.40
N SER A 451 -26.37 0.55 -1.04
CA SER A 451 -26.57 0.99 0.33
C SER A 451 -27.97 1.50 0.58
N GLU A 452 -28.46 1.23 1.80
CA GLU A 452 -29.76 1.82 2.15
C GLU A 452 -29.70 3.33 2.27
N LYS A 453 -28.56 3.89 2.71
CA LYS A 453 -28.50 5.34 2.82
C LYS A 453 -28.69 5.99 1.47
N MET A 454 -28.02 5.49 0.43
CA MET A 454 -28.17 6.14 -0.87
C MET A 454 -29.52 5.86 -1.49
N LYS A 455 -30.11 4.69 -1.26
CA LYS A 455 -31.48 4.46 -1.73
C LYS A 455 -32.44 5.49 -1.18
N GLY A 456 -32.30 5.84 0.10
CA GLY A 456 -33.19 6.85 0.66
C GLY A 456 -32.87 8.25 0.20
N MET A 457 -31.66 8.46 -0.32
CA MET A 457 -31.20 9.76 -0.81
CA MET A 457 -31.29 9.79 -0.76
C MET A 457 -31.73 10.03 -2.20
N LYS A 458 -32.14 8.98 -2.92
CA LYS A 458 -32.41 9.06 -4.35
C LYS A 458 -33.30 10.26 -4.69
N GLU A 459 -34.39 10.42 -3.95
CA GLU A 459 -35.38 11.43 -4.32
C GLU A 459 -34.90 12.86 -4.11
N LEU A 460 -33.79 13.04 -3.44
CA LEU A 460 -33.19 14.36 -3.25
C LEU A 460 -32.17 14.71 -4.31
N LEU A 461 -31.83 13.77 -5.18
CA LEU A 461 -30.66 13.99 -6.03
C LEU A 461 -30.91 14.81 -7.30
N VAL A 462 -32.16 15.18 -7.65
CA VAL A 462 -32.48 15.83 -8.92
C VAL A 462 -33.08 17.23 -8.77
N ALA A 463 -33.29 17.71 -7.55
CA ALA A 463 -33.81 19.05 -7.34
C ALA A 463 -32.79 20.07 -7.82
N THR A 464 -33.29 21.14 -8.43
N THR A 464 -33.28 21.14 -8.44
CA THR A 464 -32.39 22.18 -8.93
CA THR A 464 -32.41 22.20 -8.93
C THR A 464 -31.54 22.76 -7.81
C THR A 464 -31.54 22.76 -7.81
N LYS A 465 -32.14 23.01 -6.65
CA LYS A 465 -31.41 23.39 -5.45
C LYS A 465 -31.59 22.22 -4.47
N ILE A 466 -30.51 21.50 -4.24
CA ILE A 466 -30.57 20.32 -3.39
C ILE A 466 -30.96 20.73 -1.97
N ASN A 467 -31.76 19.90 -1.34
CA ASN A 467 -32.19 20.14 0.04
C ASN A 467 -31.06 19.70 0.98
N SER A 468 -30.23 20.66 1.37
N SER A 468 -30.20 20.64 1.37
CA SER A 468 -29.02 20.36 2.14
CA SER A 468 -29.01 20.29 2.14
C SER A 468 -29.35 19.72 3.49
C SER A 468 -29.38 19.61 3.47
N SER A 469 -30.39 20.20 4.16
N SER A 469 -30.33 20.19 4.21
CA SER A 469 -30.70 19.65 5.48
CA SER A 469 -30.68 19.64 5.52
C SER A 469 -31.16 18.22 5.38
C SER A 469 -31.17 18.20 5.40
N ALA A 470 -31.99 17.91 4.38
CA ALA A 470 -32.48 16.55 4.23
C ALA A 470 -31.34 15.60 3.84
N ILE A 471 -30.42 16.04 2.97
CA ILE A 471 -29.25 15.21 2.62
C ILE A 471 -28.47 14.88 3.87
N LYS A 472 -28.22 15.90 4.70
CA LYS A 472 -27.45 15.67 5.91
C LYS A 472 -28.15 14.66 6.81
N LEU A 473 -29.48 14.78 6.98
CA LEU A 473 -30.20 13.80 7.79
C LEU A 473 -30.04 12.40 7.22
N GLN A 474 -30.12 12.25 5.90
CA GLN A 474 -30.06 10.92 5.33
C GLN A 474 -28.65 10.33 5.41
N LEU A 475 -27.60 11.15 5.25
CA LEU A 475 -26.25 10.60 5.25
C LEU A 475 -25.81 10.19 6.66
N THR A 476 -26.30 10.87 7.69
CA THR A 476 -25.83 10.63 9.04
C THR A 476 -26.81 9.84 9.84
N ALA A 477 -28.01 9.61 9.26
CA ALA A 477 -29.10 8.88 9.85
C ALA A 477 -29.49 9.55 11.17
N GLN A 478 -29.25 10.87 11.21
CA GLN A 478 -29.65 11.74 12.32
C GLN A 478 -31.13 11.67 12.55
N SER A 479 -31.50 11.50 13.81
CA SER A 479 -32.91 11.25 14.08
C SER A 479 -33.73 12.56 14.09
N GLN A 480 -33.14 13.67 14.52
CA GLN A 480 -33.90 14.86 14.90
C GLN A 480 -33.23 16.14 14.42
N VAL A 481 -34.03 17.19 14.26
CA VAL A 481 -33.48 18.53 14.04
C VAL A 481 -33.55 19.34 15.34
N GLN A 482 -33.00 20.56 15.35
CA GLN A 482 -32.88 21.32 16.59
C GLN A 482 -34.25 21.62 17.20
N MET A 483 -34.33 21.58 18.52
CA MET A 483 -35.62 21.79 19.19
C MET A 483 -36.16 23.19 18.93
N LYS A 484 -35.35 24.21 19.16
CA LYS A 484 -35.84 25.59 19.12
C LYS A 484 -35.83 26.11 17.68
#